data_5UVP
#
_entry.id   5UVP
#
_cell.length_a   66.604
_cell.length_b   92.573
_cell.length_c   119.152
_cell.angle_alpha   90.000
_cell.angle_beta   90.000
_cell.angle_gamma   90.000
#
_symmetry.space_group_name_H-M   'I 2 2 2'
#
loop_
_entity.id
_entity.type
_entity.pdbx_description
1 polymer 'ORF 17'
2 non-polymer 6-(cyclohexylmethyl)-N-{2-[(oxan-4-yl)oxy]-4-(1H-tetrazol-5-yl)phenyl}pyridine-2-carboxamide
3 water water
#
_entity_poly.entity_id   1
_entity_poly.type   'polypeptide(L)'
_entity_poly.pdbx_seq_one_letter_code
;GLYVGGFVDVVSCPKLEQELYLDPDQVTDYLPVTEPLPITIEHLPETEVGWTLGLFQVSHGIFCTGAITSPAFLELASRL
ADTSHVARAPVKNLPKEPLLEILHTWLPGLSLSSIHPRELSQTPSGPVFQHVSLCALGRRRGTVAVYGHDAEWVVSRFSS
VSKSERAHILQHVSSCRLEDLSTPNFVSPLETL
;
_entity_poly.pdbx_strand_id   A,B
#
# COMPACT_ATOMS: atom_id res chain seq x y z
N GLY A 1 14.05 -16.04 -6.09
CA GLY A 1 13.23 -15.02 -6.71
C GLY A 1 14.06 -13.99 -7.46
N LEU A 2 13.38 -13.05 -8.11
CA LEU A 2 14.05 -12.04 -8.92
C LEU A 2 14.01 -10.69 -8.22
N TYR A 3 15.15 -10.02 -8.20
CA TYR A 3 15.28 -8.67 -7.67
C TYR A 3 15.41 -7.67 -8.80
N VAL A 4 14.88 -6.48 -8.57
CA VAL A 4 15.04 -5.37 -9.49
C VAL A 4 15.61 -4.19 -8.73
N GLY A 5 16.49 -3.45 -9.38
CA GLY A 5 17.04 -2.24 -8.79
C GLY A 5 17.30 -1.21 -9.87
N GLY A 6 17.19 0.05 -9.48
CA GLY A 6 17.49 1.14 -10.38
C GLY A 6 17.11 2.47 -9.76
N PHE A 7 17.55 3.53 -10.45
CA PHE A 7 17.12 4.88 -10.11
C PHE A 7 15.76 5.15 -10.74
N VAL A 8 14.91 5.89 -10.01
CA VAL A 8 13.55 6.15 -10.46
C VAL A 8 13.45 7.55 -11.04
N ASP A 9 12.53 7.72 -12.00
CA ASP A 9 11.87 8.99 -12.23
C ASP A 9 10.71 9.09 -11.24
N VAL A 10 10.51 10.27 -10.67
CA VAL A 10 9.39 10.53 -9.76
C VAL A 10 8.30 11.21 -10.58
N VAL A 11 7.14 10.57 -10.68
CA VAL A 11 6.09 10.99 -11.59
C VAL A 11 4.79 11.14 -10.82
N SER A 12 4.09 12.24 -11.04
CA SER A 12 2.75 12.42 -10.51
C SER A 12 1.76 12.34 -11.66
N CYS A 13 0.63 11.69 -11.42
CA CYS A 13 -0.36 11.49 -12.49
C CYS A 13 0.31 10.77 -13.64
N PRO A 14 0.94 9.61 -13.39
CA PRO A 14 1.69 8.94 -14.46
C PRO A 14 0.83 8.57 -15.65
N LYS A 15 -0.40 8.11 -15.41
CA LYS A 15 -1.31 7.75 -16.50
C LYS A 15 -1.93 8.98 -17.15
N LEU A 16 -2.33 9.96 -16.35
CA LEU A 16 -3.04 11.16 -16.83
C LEU A 16 -2.34 11.82 -18.01
N GLU A 17 -3.04 12.74 -18.67
CA GLU A 17 -2.47 13.39 -19.86
C GLU A 17 -1.43 14.44 -19.48
N GLN A 18 -1.63 15.13 -18.36
CA GLN A 18 -0.61 16.04 -17.85
C GLN A 18 0.37 15.23 -17.01
N GLU A 19 1.54 14.94 -17.59
CA GLU A 19 2.59 14.20 -16.91
C GLU A 19 3.52 15.18 -16.20
N LEU A 20 3.69 15.01 -14.89
CA LEU A 20 4.60 15.81 -14.09
C LEU A 20 5.77 14.94 -13.63
N TYR A 21 6.98 15.36 -13.98
CA TYR A 21 8.20 14.74 -13.49
C TYR A 21 8.75 15.61 -12.36
N LEU A 22 8.66 15.10 -11.14
CA LEU A 22 9.10 15.84 -9.97
C LEU A 22 10.62 15.82 -9.87
N ASP A 23 11.17 16.90 -9.30
CA ASP A 23 12.56 16.87 -8.91
C ASP A 23 12.71 16.01 -7.65
N PRO A 24 13.78 15.22 -7.54
CA PRO A 24 13.96 14.41 -6.32
C PRO A 24 13.82 15.22 -5.04
N ASP A 25 14.39 16.42 -5.01
CA ASP A 25 14.41 17.24 -3.80
C ASP A 25 13.01 17.55 -3.28
N GLN A 26 11.98 17.40 -4.10
CA GLN A 26 10.64 17.67 -3.63
C GLN A 26 10.09 16.56 -2.75
N VAL A 27 10.68 15.36 -2.81
CA VAL A 27 10.12 14.20 -2.13
C VAL A 27 11.12 13.53 -1.21
N THR A 28 12.35 14.03 -1.12
CA THR A 28 13.33 13.35 -0.29
C THR A 28 12.98 13.43 1.19
N ASP A 29 12.27 14.48 1.60
CA ASP A 29 11.81 14.55 2.99
C ASP A 29 10.90 13.40 3.36
N TYR A 30 10.37 12.67 2.38
CA TYR A 30 9.49 11.54 2.66
C TYR A 30 10.16 10.19 2.42
N LEU A 31 11.49 10.18 2.34
CA LEU A 31 12.27 8.96 2.20
C LEU A 31 13.17 8.76 3.42
N PRO A 32 13.59 7.51 3.70
CA PRO A 32 13.34 6.30 2.90
C PRO A 32 11.94 5.77 3.11
N VAL A 33 11.53 4.85 2.25
CA VAL A 33 10.27 4.14 2.40
C VAL A 33 10.61 2.67 2.34
N THR A 34 10.50 1.98 3.48
CA THR A 34 10.88 0.58 3.59
C THR A 34 9.70 -0.38 3.57
N GLU A 35 8.49 0.13 3.71
CA GLU A 35 7.31 -0.71 3.62
CA GLU A 35 7.31 -0.71 3.62
C GLU A 35 6.98 -1.03 2.17
N PRO A 36 6.51 -2.24 1.89
CA PRO A 36 6.32 -2.65 0.48
C PRO A 36 5.22 -1.85 -0.23
N LEU A 37 5.55 -1.35 -1.43
CA LEU A 37 4.63 -0.79 -2.42
C LEU A 37 4.49 -1.76 -3.59
N PRO A 38 3.34 -1.80 -4.25
CA PRO A 38 3.20 -2.68 -5.42
C PRO A 38 4.16 -2.27 -6.53
N ILE A 39 4.60 -3.27 -7.30
CA ILE A 39 5.33 -3.05 -8.55
C ILE A 39 4.43 -3.52 -9.68
N THR A 40 4.07 -2.61 -10.56
CA THR A 40 3.24 -2.90 -11.72
C THR A 40 3.99 -2.59 -13.01
N ILE A 41 3.31 -2.83 -14.12
CA ILE A 41 3.85 -2.56 -15.44
C ILE A 41 3.08 -1.38 -16.03
N GLU A 42 3.82 -0.33 -16.40
CA GLU A 42 3.27 0.88 -17.05
C GLU A 42 2.08 1.44 -16.30
N HIS A 43 2.16 1.43 -14.97
CA HIS A 43 1.17 2.06 -14.11
C HIS A 43 -0.22 1.47 -14.26
N LEU A 44 -0.31 0.23 -14.75
CA LEU A 44 -1.60 -0.43 -14.89
C LEU A 44 -1.90 -1.24 -13.63
N PRO A 45 -2.99 -0.95 -12.91
CA PRO A 45 -3.18 -1.58 -11.58
C PRO A 45 -3.30 -3.08 -11.60
N GLU A 46 -3.79 -3.67 -12.68
CA GLU A 46 -4.00 -5.11 -12.71
C GLU A 46 -2.76 -5.88 -13.14
N THR A 47 -1.59 -5.22 -13.21
CA THR A 47 -0.36 -5.85 -13.66
C THR A 47 0.69 -5.85 -12.55
N GLU A 48 0.25 -6.02 -11.30
CA GLU A 48 1.16 -6.21 -10.18
C GLU A 48 1.99 -7.45 -10.40
N VAL A 49 3.31 -7.30 -10.37
CA VAL A 49 4.22 -8.42 -10.48
C VAL A 49 5.12 -8.59 -9.26
N GLY A 50 5.18 -7.63 -8.36
CA GLY A 50 6.07 -7.74 -7.22
C GLY A 50 5.85 -6.60 -6.24
N TRP A 51 6.85 -6.39 -5.39
CA TRP A 51 6.79 -5.46 -4.26
C TRP A 51 8.12 -4.74 -4.11
N THR A 52 8.07 -3.47 -3.77
CA THR A 52 9.28 -2.74 -3.48
C THR A 52 9.78 -3.16 -2.12
N LEU A 53 11.11 -3.18 -1.97
CA LEU A 53 11.75 -3.50 -0.70
C LEU A 53 12.44 -2.28 -0.11
N GLY A 54 12.57 -1.21 -0.87
CA GLY A 54 13.15 0.01 -0.36
C GLY A 54 13.25 1.09 -1.41
N LEU A 55 12.93 2.31 -1.00
CA LEU A 55 13.19 3.53 -1.74
C LEU A 55 14.09 4.39 -0.87
N PHE A 56 15.25 4.78 -1.40
CA PHE A 56 16.26 5.50 -0.63
C PHE A 56 16.80 6.67 -1.44
N GLN A 57 16.97 7.82 -0.78
CA GLN A 57 17.70 8.93 -1.37
C GLN A 57 19.19 8.62 -1.29
N VAL A 58 19.88 8.68 -2.42
CA VAL A 58 21.33 8.50 -2.44
C VAL A 58 21.96 9.73 -3.06
N SER A 59 23.29 9.75 -3.14
CA SER A 59 24.01 10.93 -3.62
C SER A 59 23.53 11.35 -5.00
N HIS A 60 23.17 10.39 -5.85
CA HIS A 60 22.94 10.67 -7.25
C HIS A 60 21.51 10.36 -7.70
N GLY A 61 20.58 10.20 -6.76
CA GLY A 61 19.17 10.14 -7.10
C GLY A 61 18.39 9.38 -6.05
N ILE A 62 17.22 8.88 -6.46
CA ILE A 62 16.38 8.04 -5.62
C ILE A 62 16.44 6.62 -6.16
N PHE A 63 16.92 5.70 -5.32
CA PHE A 63 17.18 4.33 -5.74
C PHE A 63 16.10 3.41 -5.18
N CYS A 64 15.57 2.55 -6.04
CA CYS A 64 14.53 1.61 -5.69
C CYS A 64 15.06 0.20 -5.85
N THR A 65 14.81 -0.61 -4.85
CA THR A 65 15.04 -2.03 -4.92
CA THR A 65 15.05 -2.03 -4.91
C THR A 65 13.73 -2.75 -4.68
N GLY A 66 13.53 -3.86 -5.39
CA GLY A 66 12.29 -4.57 -5.27
C GLY A 66 12.47 -6.02 -5.66
N ALA A 67 11.41 -6.78 -5.47
CA ALA A 67 11.37 -8.19 -5.83
C ALA A 67 10.22 -8.43 -6.79
N ILE A 68 10.49 -9.24 -7.82
CA ILE A 68 9.44 -9.72 -8.70
C ILE A 68 9.04 -11.09 -8.17
N THR A 69 7.80 -11.21 -7.67
CA THR A 69 7.38 -12.39 -6.93
C THR A 69 6.20 -13.10 -7.53
N SER A 70 5.46 -12.49 -8.47
CA SER A 70 4.31 -13.14 -9.07
C SER A 70 4.73 -14.46 -9.74
N PRO A 71 4.29 -15.62 -9.22
CA PRO A 71 4.68 -16.86 -9.91
C PRO A 71 4.14 -16.94 -11.32
N ALA A 72 2.93 -16.42 -11.56
CA ALA A 72 2.39 -16.41 -12.90
C ALA A 72 3.25 -15.58 -13.84
N PHE A 73 3.74 -14.43 -13.36
CA PHE A 73 4.59 -13.59 -14.20
C PHE A 73 5.96 -14.22 -14.39
N LEU A 74 6.52 -14.80 -13.34
CA LEU A 74 7.85 -15.37 -13.44
C LEU A 74 7.86 -16.56 -14.39
N GLU A 75 6.79 -17.36 -14.37
CA GLU A 75 6.70 -18.50 -15.28
C GLU A 75 6.52 -18.03 -16.71
N LEU A 76 5.68 -17.02 -16.93
CA LEU A 76 5.49 -16.49 -18.27
C LEU A 76 6.78 -15.89 -18.79
N ALA A 77 7.47 -15.08 -17.98
CA ALA A 77 8.68 -14.43 -18.46
C ALA A 77 9.76 -15.44 -18.76
N SER A 78 9.87 -16.47 -17.93
CA SER A 78 10.87 -17.50 -18.15
CA SER A 78 10.88 -17.50 -18.15
CA SER A 78 10.88 -17.49 -18.16
C SER A 78 10.61 -18.26 -19.44
N ARG A 79 9.34 -18.55 -19.72
CA ARG A 79 8.97 -19.28 -20.93
C ARG A 79 9.27 -18.45 -22.16
N LEU A 80 8.91 -17.17 -22.13
CA LEU A 80 9.26 -16.25 -23.21
C LEU A 80 10.77 -16.14 -23.36
N ALA A 81 11.50 -16.07 -22.24
CA ALA A 81 12.94 -15.96 -22.32
C ALA A 81 13.54 -17.11 -23.12
N ASP A 82 12.94 -18.30 -23.02
CA ASP A 82 13.52 -19.50 -23.63
C ASP A 82 12.90 -19.85 -24.96
N THR A 83 11.74 -19.30 -25.29
CA THR A 83 11.01 -19.77 -26.47
C THR A 83 10.56 -18.67 -27.43
N SER A 84 10.63 -17.39 -27.05
CA SER A 84 10.08 -16.32 -27.88
C SER A 84 11.18 -15.61 -28.67
N HIS A 85 11.14 -15.77 -29.99
CA HIS A 85 12.04 -15.00 -30.85
C HIS A 85 11.77 -13.50 -30.73
N VAL A 86 10.51 -13.13 -30.56
CA VAL A 86 10.17 -11.71 -30.46
C VAL A 86 10.83 -11.13 -29.21
N ALA A 87 10.63 -11.78 -28.05
CA ALA A 87 11.22 -11.29 -26.82
C ALA A 87 12.73 -11.16 -26.94
N ARG A 88 13.37 -12.06 -27.68
CA ARG A 88 14.82 -12.06 -27.78
C ARG A 88 15.34 -11.18 -28.92
N ALA A 89 14.47 -10.69 -29.79
CA ALA A 89 14.95 -9.93 -30.94
C ALA A 89 15.78 -8.70 -30.56
N PRO A 90 15.41 -7.92 -29.54
CA PRO A 90 16.19 -6.72 -29.20
C PRO A 90 17.28 -6.94 -28.17
N VAL A 91 17.61 -8.20 -27.88
CA VAL A 91 18.65 -8.57 -26.93
C VAL A 91 19.82 -9.14 -27.72
N LYS A 92 21.03 -8.98 -27.18
CA LYS A 92 22.18 -9.62 -27.82
C LYS A 92 21.94 -11.11 -27.98
N ASN A 93 22.57 -11.71 -28.98
CA ASN A 93 22.33 -13.12 -29.27
C ASN A 93 22.91 -14.00 -28.17
N LEU A 94 22.18 -15.06 -27.84
CA LEU A 94 22.68 -16.17 -27.05
C LEU A 94 23.22 -15.73 -25.68
N PRO A 95 22.45 -14.97 -24.90
CA PRO A 95 22.90 -14.62 -23.56
C PRO A 95 22.80 -15.80 -22.61
N LYS A 96 23.63 -15.78 -21.57
CA LYS A 96 23.62 -16.83 -20.55
C LYS A 96 22.39 -16.74 -19.64
N GLU A 97 21.86 -15.53 -19.42
CA GLU A 97 20.71 -15.34 -18.55
C GLU A 97 19.59 -14.64 -19.32
N PRO A 98 18.90 -15.36 -20.22
CA PRO A 98 17.93 -14.68 -21.09
C PRO A 98 16.83 -13.99 -20.33
N LEU A 99 16.37 -14.58 -19.23
CA LEU A 99 15.32 -13.97 -18.44
C LEU A 99 15.75 -12.59 -17.96
N LEU A 100 16.95 -12.51 -17.37
CA LEU A 100 17.47 -11.23 -16.90
C LEU A 100 17.62 -10.25 -18.03
N GLU A 101 18.15 -10.71 -19.18
CA GLU A 101 18.39 -9.80 -20.30
C GLU A 101 17.07 -9.28 -20.86
N ILE A 102 16.07 -10.14 -21.00
CA ILE A 102 14.82 -9.71 -21.58
C ILE A 102 14.13 -8.68 -20.69
N LEU A 103 14.16 -8.87 -19.37
CA LEU A 103 13.56 -7.87 -18.49
C LEU A 103 14.34 -6.56 -18.54
N HIS A 104 15.67 -6.65 -18.49
CA HIS A 104 16.54 -5.48 -18.55
C HIS A 104 16.28 -4.65 -19.81
N THR A 105 16.01 -5.32 -20.93
CA THR A 105 15.83 -4.64 -22.21
C THR A 105 14.42 -4.09 -22.36
N TRP A 106 13.41 -4.90 -22.07
CA TRP A 106 12.03 -4.52 -22.40
C TRP A 106 11.43 -3.61 -21.35
N LEU A 107 11.88 -3.73 -20.11
CA LEU A 107 11.35 -2.95 -19.00
C LEU A 107 12.49 -2.19 -18.33
N PRO A 108 13.13 -1.26 -19.06
CA PRO A 108 14.33 -0.60 -18.52
C PRO A 108 14.06 0.51 -17.53
N GLY A 109 12.85 1.03 -17.47
CA GLY A 109 12.54 2.21 -16.65
C GLY A 109 11.81 1.86 -15.37
N LEU A 110 12.21 2.54 -14.29
CA LEU A 110 11.52 2.47 -13.01
C LEU A 110 10.92 3.83 -12.72
N SER A 111 9.60 3.90 -12.58
CA SER A 111 8.89 5.14 -12.30
C SER A 111 8.16 5.00 -10.97
N LEU A 112 8.37 5.97 -10.09
CA LEU A 112 7.76 5.99 -8.77
C LEU A 112 6.63 7.00 -8.77
N SER A 113 5.43 6.53 -8.47
CA SER A 113 4.23 7.34 -8.52
C SER A 113 4.12 8.14 -7.22
N SER A 114 3.86 9.44 -7.34
CA SER A 114 3.78 10.32 -6.19
C SER A 114 2.53 11.18 -6.29
N ILE A 115 2.10 11.72 -5.16
CA ILE A 115 1.01 12.70 -5.16
C ILE A 115 1.52 13.97 -5.82
N HIS A 116 0.59 14.87 -6.13
CA HIS A 116 0.94 16.11 -6.79
C HIS A 116 1.84 16.96 -5.89
N PRO A 117 2.79 17.72 -6.45
CA PRO A 117 3.63 18.58 -5.60
C PRO A 117 2.84 19.67 -4.89
N ARG A 118 1.63 20.00 -5.36
CA ARG A 118 0.78 20.90 -4.58
C ARG A 118 0.59 20.37 -3.17
N GLU A 119 0.48 19.04 -3.02
CA GLU A 119 0.33 18.43 -1.71
C GLU A 119 1.64 18.33 -0.95
N LEU A 120 2.77 18.40 -1.64
CA LEU A 120 4.07 18.30 -0.98
C LEU A 120 4.53 19.62 -0.37
N SER A 121 3.85 20.73 -0.68
CA SER A 121 4.10 21.99 0.01
C SER A 121 3.43 21.94 1.37
N GLN A 122 4.23 22.12 2.42
CA GLN A 122 3.77 22.03 3.80
C GLN A 122 3.83 20.59 4.29
N THR A 123 2.69 19.89 4.31
CA THR A 123 2.67 18.57 4.93
C THR A 123 1.53 17.72 4.40
N PRO A 124 1.81 16.62 3.72
CA PRO A 124 0.74 15.79 3.16
C PRO A 124 0.02 14.99 4.24
N SER A 125 -1.25 14.70 3.96
CA SER A 125 -2.12 14.01 4.91
C SER A 125 -1.88 12.51 4.89
N GLY A 126 -1.88 11.92 3.69
CA GLY A 126 -1.71 10.50 3.53
C GLY A 126 -0.45 10.14 2.78
N PRO A 127 -0.28 8.85 2.48
CA PRO A 127 0.94 8.38 1.83
C PRO A 127 1.31 9.23 0.62
N VAL A 128 2.60 9.52 0.49
CA VAL A 128 3.11 10.32 -0.61
C VAL A 128 3.27 9.49 -1.89
N PHE A 129 3.66 8.22 -1.77
CA PHE A 129 3.92 7.34 -2.91
C PHE A 129 2.88 6.24 -2.98
N GLN A 130 2.58 5.78 -4.19
CA GLN A 130 1.56 4.75 -4.39
C GLN A 130 2.11 3.45 -4.93
N HIS A 131 3.11 3.48 -5.81
CA HIS A 131 3.60 2.26 -6.40
C HIS A 131 4.83 2.59 -7.20
N VAL A 132 5.55 1.56 -7.63
CA VAL A 132 6.61 1.68 -8.61
C VAL A 132 6.19 0.89 -9.84
N SER A 133 6.48 1.42 -11.03
CA SER A 133 6.16 0.72 -12.26
C SER A 133 7.43 0.41 -13.05
N LEU A 134 7.45 -0.79 -13.61
CA LEU A 134 8.40 -1.15 -14.65
C LEU A 134 7.89 -0.59 -15.98
N CYS A 135 8.72 0.19 -16.67
CA CYS A 135 8.22 0.99 -17.78
C CYS A 135 9.09 0.81 -19.02
N ALA A 136 8.41 0.86 -20.17
CA ALA A 136 9.05 0.86 -21.48
C ALA A 136 9.15 2.24 -22.11
N LEU A 137 8.31 3.19 -21.67
CA LEU A 137 8.23 4.52 -22.25
C LEU A 137 8.37 5.56 -21.15
N GLY A 138 8.70 6.80 -21.53
CA GLY A 138 8.64 7.89 -20.60
C GLY A 138 9.89 8.14 -19.77
N ARG A 139 11.01 7.47 -20.09
CA ARG A 139 12.23 7.59 -19.30
C ARG A 139 12.84 8.96 -19.48
N ARG A 140 13.12 9.65 -18.37
CA ARG A 140 13.80 10.93 -18.44
C ARG A 140 15.26 10.82 -18.00
N ARG A 141 15.49 10.44 -16.76
CA ARG A 141 16.81 10.25 -16.19
C ARG A 141 17.59 9.18 -16.95
N GLY A 142 18.93 9.26 -16.87
CA GLY A 142 19.78 8.18 -17.32
C GLY A 142 19.83 7.02 -16.34
N THR A 143 20.49 5.95 -16.78
CA THR A 143 20.56 4.63 -16.15
C THR A 143 19.26 3.85 -16.31
N VAL A 144 19.37 2.53 -16.21
CA VAL A 144 18.33 1.58 -16.57
C VAL A 144 18.20 0.58 -15.42
N ALA A 145 17.07 -0.11 -15.40
CA ALA A 145 16.81 -1.11 -14.37
C ALA A 145 17.66 -2.34 -14.58
N VAL A 146 18.08 -2.94 -13.47
CA VAL A 146 18.86 -4.18 -13.48
C VAL A 146 18.07 -5.24 -12.74
N TYR A 147 18.04 -6.43 -13.33
CA TYR A 147 17.35 -7.58 -12.78
C TYR A 147 18.36 -8.67 -12.47
N GLY A 148 18.17 -9.36 -11.35
CA GLY A 148 19.08 -10.42 -10.96
C GLY A 148 18.51 -11.27 -9.85
N HIS A 149 19.09 -12.46 -9.68
CA HIS A 149 18.64 -13.36 -8.64
C HIS A 149 19.23 -13.02 -7.28
N ASP A 150 20.25 -12.18 -7.25
CA ASP A 150 21.03 -11.88 -6.05
C ASP A 150 20.97 -10.38 -5.83
N ALA A 151 20.26 -9.96 -4.78
CA ALA A 151 20.06 -8.54 -4.53
C ALA A 151 21.38 -7.78 -4.50
N GLU A 152 22.41 -8.37 -3.87
CA GLU A 152 23.70 -7.68 -3.77
C GLU A 152 24.31 -7.49 -5.15
N TRP A 153 24.15 -8.48 -6.02
CA TRP A 153 24.66 -8.35 -7.37
C TRP A 153 23.95 -7.21 -8.10
N VAL A 154 22.63 -7.13 -7.96
CA VAL A 154 21.86 -6.09 -8.65
C VAL A 154 22.35 -4.71 -8.25
N VAL A 155 22.43 -4.44 -6.94
CA VAL A 155 22.80 -3.09 -6.50
C VAL A 155 24.26 -2.81 -6.84
N SER A 156 25.12 -3.83 -6.78
CA SER A 156 26.53 -3.57 -7.09
C SER A 156 26.76 -3.28 -8.56
N ARG A 157 25.76 -3.44 -9.43
CA ARG A 157 25.95 -3.06 -10.82
C ARG A 157 25.95 -1.56 -11.02
N PHE A 158 25.52 -0.79 -10.03
CA PHE A 158 25.42 0.67 -10.15
C PHE A 158 26.64 1.33 -9.53
N SER A 159 27.55 1.79 -10.40
CA SER A 159 28.76 2.46 -9.92
C SER A 159 28.43 3.73 -9.15
N SER A 160 27.37 4.45 -9.53
CA SER A 160 27.03 5.69 -8.85
C SER A 160 26.48 5.47 -7.44
N VAL A 161 26.35 4.22 -6.98
CA VAL A 161 25.91 3.91 -5.62
C VAL A 161 27.11 3.37 -4.86
N SER A 162 27.44 4.03 -3.74
CA SER A 162 28.63 3.66 -2.98
C SER A 162 28.43 2.36 -2.23
N LYS A 163 29.54 1.80 -1.74
CA LYS A 163 29.45 0.62 -0.90
C LYS A 163 28.68 0.92 0.39
N SER A 164 28.78 2.16 0.89
CA SER A 164 28.03 2.54 2.08
C SER A 164 26.54 2.63 1.78
N GLU A 165 26.19 3.27 0.66
CA GLU A 165 24.79 3.33 0.25
C GLU A 165 24.24 1.94 -0.05
N ARG A 166 25.04 1.11 -0.74
CA ARG A 166 24.60 -0.24 -1.06
C ARG A 166 24.32 -1.06 0.20
N ALA A 167 25.18 -0.94 1.21
CA ALA A 167 24.93 -1.67 2.45
C ALA A 167 23.65 -1.19 3.12
N HIS A 168 23.43 0.12 3.15
CA HIS A 168 22.20 0.64 3.74
C HIS A 168 20.98 0.11 2.99
N ILE A 169 21.04 0.12 1.65
CA ILE A 169 19.95 -0.41 0.85
C ILE A 169 19.71 -1.88 1.17
N LEU A 170 20.79 -2.68 1.22
CA LEU A 170 20.63 -4.12 1.34
C LEU A 170 20.20 -4.56 2.75
N GLN A 171 20.44 -3.73 3.77
CA GLN A 171 19.96 -4.04 5.11
C GLN A 171 18.49 -4.41 5.10
N HIS A 172 17.68 -3.65 4.38
CA HIS A 172 16.25 -3.88 4.35
C HIS A 172 15.82 -4.94 3.35
N VAL A 173 16.56 -5.11 2.25
CA VAL A 173 16.15 -6.07 1.23
C VAL A 173 16.27 -7.50 1.75
N SER A 174 17.32 -7.79 2.52
CA SER A 174 17.53 -9.15 2.99
C SER A 174 16.64 -9.51 4.17
N SER A 175 16.27 -8.53 5.01
CA SER A 175 15.49 -8.83 6.21
C SER A 175 14.10 -9.33 5.90
N CYS A 176 13.61 -9.16 4.67
CA CYS A 176 12.26 -9.57 4.30
C CYS A 176 12.27 -10.96 3.68
N ARG A 177 11.26 -11.77 4.05
CA ARG A 177 11.07 -13.09 3.48
C ARG A 177 10.04 -13.00 2.36
N LEU A 178 10.52 -13.05 1.11
CA LEU A 178 9.63 -12.83 -0.03
C LEU A 178 8.39 -13.71 0.02
N GLU A 179 8.51 -14.92 0.60
CA GLU A 179 7.35 -15.80 0.70
CA GLU A 179 7.36 -15.80 0.71
C GLU A 179 6.27 -15.17 1.57
N ASP A 180 6.66 -14.29 2.49
CA ASP A 180 5.71 -13.63 3.40
C ASP A 180 4.86 -12.58 2.70
N LEU A 181 5.30 -12.06 1.56
CA LEU A 181 4.52 -11.05 0.84
C LEU A 181 3.33 -11.70 0.16
N SER A 182 2.24 -10.94 0.09
CA SER A 182 1.05 -11.42 -0.61
C SER A 182 1.34 -11.60 -2.10
N THR A 183 0.54 -12.46 -2.74
CA THR A 183 0.69 -12.75 -4.17
C THR A 183 0.19 -11.56 -5.00
N PRO A 184 1.03 -10.93 -5.83
CA PRO A 184 0.55 -9.87 -6.72
C PRO A 184 -0.58 -10.36 -7.61
N ASN A 185 -1.37 -9.42 -8.15
CA ASN A 185 -2.59 -9.75 -8.87
C ASN A 185 -2.41 -10.11 -10.35
N PHE A 186 -1.19 -10.10 -10.87
CA PHE A 186 -0.99 -10.43 -12.28
C PHE A 186 -1.53 -11.82 -12.59
N VAL A 187 -2.28 -11.93 -13.69
CA VAL A 187 -2.77 -13.22 -14.19
C VAL A 187 -2.17 -13.44 -15.57
N SER A 188 -1.61 -14.62 -15.80
CA SER A 188 -1.07 -14.89 -17.12
C SER A 188 -2.19 -15.18 -18.10
N PRO A 189 -2.10 -14.71 -19.35
CA PRO A 189 -3.13 -15.08 -20.33
C PRO A 189 -3.22 -16.58 -20.55
N LEU A 190 -2.07 -17.24 -20.76
CA LEU A 190 -2.01 -18.68 -20.92
C LEU A 190 -2.58 -19.41 -19.71
N GLY B 1 -15.68 -7.65 -1.69
CA GLY B 1 -15.16 -7.01 -0.49
C GLY B 1 -16.24 -6.37 0.36
N LEU B 2 -15.88 -6.00 1.58
CA LEU B 2 -16.77 -5.34 2.51
C LEU B 2 -16.38 -3.87 2.61
N TYR B 3 -17.33 -3.08 3.12
CA TYR B 3 -17.09 -1.69 3.47
C TYR B 3 -17.08 -1.58 4.98
N VAL B 4 -16.19 -0.73 5.49
CA VAL B 4 -16.17 -0.37 6.91
C VAL B 4 -16.37 1.14 7.03
N GLY B 5 -17.09 1.56 8.06
CA GLY B 5 -17.30 2.98 8.29
C GLY B 5 -17.42 3.30 9.75
N GLY B 6 -17.05 4.52 10.10
CA GLY B 6 -17.33 5.02 11.44
C GLY B 6 -16.42 6.16 11.81
N PHE B 7 -16.69 6.73 12.99
CA PHE B 7 -15.76 7.69 13.56
C PHE B 7 -14.51 6.99 14.07
N VAL B 8 -13.40 7.69 14.00
CA VAL B 8 -12.12 7.13 14.39
C VAL B 8 -11.62 7.82 15.65
N ASP B 9 -10.87 7.08 16.46
CA ASP B 9 -9.99 7.71 17.42
C ASP B 9 -8.61 7.90 16.80
N VAL B 10 -7.93 8.95 17.24
CA VAL B 10 -6.62 9.33 16.72
C VAL B 10 -5.57 8.98 17.77
N VAL B 11 -4.60 8.16 17.38
CA VAL B 11 -3.58 7.66 18.29
C VAL B 11 -2.22 7.93 17.68
N SER B 12 -1.21 8.09 18.54
CA SER B 12 0.12 8.48 18.09
C SER B 12 1.20 7.43 18.34
N CYS B 13 0.99 6.50 19.26
CA CYS B 13 1.95 5.44 19.50
C CYS B 13 3.29 6.06 19.91
N PRO B 14 3.45 6.43 21.18
CA PRO B 14 4.74 6.92 21.65
C PRO B 14 5.73 5.78 21.88
N LYS B 15 7.00 6.17 22.08
CA LYS B 15 8.07 5.20 22.29
C LYS B 15 8.05 4.67 23.72
N LEU B 16 8.13 5.56 24.70
CA LEU B 16 8.10 5.19 26.11
C LEU B 16 6.73 4.70 26.53
N GLU B 17 5.75 5.60 26.53
CA GLU B 17 4.38 5.22 26.86
C GLU B 17 3.85 4.22 25.83
N GLN B 18 2.66 3.69 26.11
CA GLN B 18 2.04 2.70 25.24
C GLN B 18 1.19 3.33 24.14
N GLU B 19 0.32 4.28 24.50
CA GLU B 19 -0.54 4.95 23.53
C GLU B 19 -0.84 6.36 24.00
N LEU B 20 -0.88 7.29 23.05
CA LEU B 20 -1.34 8.65 23.28
C LEU B 20 -2.54 8.89 22.38
N TYR B 21 -3.69 9.16 22.98
CA TYR B 21 -4.90 9.41 22.23
C TYR B 21 -5.04 10.92 22.07
N LEU B 22 -4.98 11.38 20.81
CA LEU B 22 -5.12 12.79 20.52
C LEU B 22 -6.57 13.20 20.49
N ASP B 23 -6.81 14.51 20.55
CA ASP B 23 -8.13 15.04 20.32
CA ASP B 23 -8.13 15.04 20.32
C ASP B 23 -8.34 15.21 18.82
N PRO B 24 -9.45 14.73 18.26
CA PRO B 24 -9.63 14.80 16.80
C PRO B 24 -9.40 16.18 16.19
N ASP B 25 -9.67 17.27 16.92
CA ASP B 25 -9.45 18.57 16.32
CA ASP B 25 -9.45 18.60 16.36
C ASP B 25 -7.99 18.98 16.30
N GLN B 26 -7.11 18.20 16.91
CA GLN B 26 -5.68 18.46 16.74
C GLN B 26 -5.20 18.15 15.32
N VAL B 27 -5.97 17.46 14.49
CA VAL B 27 -5.48 17.06 13.16
C VAL B 27 -6.49 17.36 12.07
N THR B 28 -7.57 18.07 12.41
CA THR B 28 -8.60 18.37 11.42
C THR B 28 -8.07 19.24 10.30
N ASP B 29 -7.01 20.03 10.55
CA ASP B 29 -6.45 20.87 9.50
C ASP B 29 -5.96 20.06 8.31
N TYR B 30 -5.68 18.76 8.50
CA TYR B 30 -5.19 17.89 7.45
C TYR B 30 -6.29 17.02 6.85
N LEU B 31 -7.55 17.42 7.01
CA LEU B 31 -8.67 16.74 6.38
C LEU B 31 -9.26 17.60 5.27
N PRO B 32 -9.92 16.98 4.29
CA PRO B 32 -10.14 15.54 4.15
C PRO B 32 -8.93 14.81 3.60
N VAL B 33 -8.79 13.53 3.97
CA VAL B 33 -7.75 12.68 3.41
C VAL B 33 -8.37 11.95 2.24
N THR B 34 -7.85 12.20 1.04
CA THR B 34 -8.27 11.51 -0.17
C THR B 34 -7.25 10.51 -0.67
N GLU B 35 -6.02 10.55 -0.17
CA GLU B 35 -5.05 9.50 -0.46
C GLU B 35 -5.50 8.22 0.24
N PRO B 36 -5.51 7.07 -0.44
CA PRO B 36 -5.82 5.83 0.28
C PRO B 36 -4.77 5.57 1.34
N LEU B 37 -5.28 5.29 2.60
CA LEU B 37 -4.50 4.77 3.72
C LEU B 37 -4.70 3.26 3.83
N PRO B 38 -3.66 2.51 4.13
CA PRO B 38 -3.84 1.09 4.43
C PRO B 38 -4.66 0.90 5.70
N ILE B 39 -5.54 -0.10 5.66
CA ILE B 39 -6.29 -0.57 6.82
C ILE B 39 -5.62 -1.87 7.27
N THR B 40 -5.22 -1.91 8.54
CA THR B 40 -4.55 -3.04 9.15
C THR B 40 -5.30 -3.46 10.42
N ILE B 41 -4.87 -4.58 10.98
CA ILE B 41 -5.44 -5.11 12.22
C ILE B 41 -4.51 -4.73 13.35
N GLU B 42 -5.04 -3.99 14.31
CA GLU B 42 -4.35 -3.66 15.57
C GLU B 42 -2.91 -3.16 15.34
N HIS B 43 -2.74 -2.32 14.33
CA HIS B 43 -1.49 -1.62 14.07
C HIS B 43 -0.34 -2.53 13.68
N LEU B 44 -0.64 -3.75 13.23
CA LEU B 44 0.38 -4.65 12.71
C LEU B 44 0.54 -4.37 11.22
N PRO B 45 1.63 -3.75 10.79
CA PRO B 45 1.73 -3.37 9.37
C PRO B 45 1.65 -4.54 8.39
N GLU B 46 1.94 -5.77 8.83
CA GLU B 46 1.88 -6.93 7.97
C GLU B 46 0.47 -7.44 7.73
N THR B 47 -0.54 -6.84 8.33
CA THR B 47 -1.90 -7.36 8.30
C THR B 47 -2.83 -6.42 7.55
N GLU B 48 -2.37 -5.90 6.41
CA GLU B 48 -3.22 -5.03 5.62
C GLU B 48 -4.40 -5.83 5.07
N VAL B 49 -5.60 -5.30 5.26
CA VAL B 49 -6.82 -5.95 4.75
C VAL B 49 -7.53 -5.10 3.74
N GLY B 50 -7.10 -3.88 3.50
CA GLY B 50 -7.88 -3.01 2.64
C GLY B 50 -7.33 -1.61 2.67
N TRP B 51 -8.14 -0.68 2.16
CA TRP B 51 -7.73 0.71 1.94
C TRP B 51 -8.85 1.66 2.35
N THR B 52 -8.48 2.82 2.91
CA THR B 52 -9.49 3.85 3.17
C THR B 52 -9.91 4.52 1.87
N LEU B 53 -11.17 4.95 1.83
CA LEU B 53 -11.74 5.64 0.67
C LEU B 53 -12.06 7.09 0.99
N GLY B 54 -11.51 7.62 2.06
CA GLY B 54 -11.76 8.97 2.48
C GLY B 54 -11.92 9.05 3.99
N LEU B 55 -11.30 10.07 4.56
CA LEU B 55 -11.60 10.51 5.91
C LEU B 55 -12.02 11.96 5.83
N PHE B 56 -13.14 12.28 6.48
CA PHE B 56 -13.74 13.59 6.40
C PHE B 56 -14.00 14.12 7.80
N GLN B 57 -13.89 15.43 7.96
CA GLN B 57 -14.35 16.07 9.19
C GLN B 57 -15.87 16.08 9.17
N VAL B 58 -16.48 15.48 10.20
CA VAL B 58 -17.92 15.36 10.28
C VAL B 58 -18.34 15.61 11.73
N SER B 59 -19.32 16.50 11.91
CA SER B 59 -19.86 16.78 13.23
C SER B 59 -18.74 17.05 14.23
N HIS B 60 -18.62 16.17 15.23
CA HIS B 60 -17.63 16.37 16.29
C HIS B 60 -16.24 15.87 15.89
N GLY B 61 -16.14 14.91 14.98
CA GLY B 61 -14.86 14.28 14.76
C GLY B 61 -14.52 13.97 13.33
N ILE B 62 -13.99 12.76 13.11
CA ILE B 62 -13.41 12.36 11.84
C ILE B 62 -14.06 11.05 11.44
N PHE B 63 -14.78 11.06 10.32
CA PHE B 63 -15.46 9.88 9.82
C PHE B 63 -14.65 9.23 8.72
N CYS B 64 -14.46 7.93 8.83
CA CYS B 64 -13.65 7.16 7.91
C CYS B 64 -14.53 6.19 7.17
N THR B 65 -14.29 6.05 5.87
CA THR B 65 -14.90 4.99 5.06
C THR B 65 -13.77 4.20 4.42
N GLY B 66 -13.91 2.88 4.39
CA GLY B 66 -12.88 2.02 3.82
C GLY B 66 -13.47 0.80 3.13
N ALA B 67 -12.64 0.17 2.30
CA ALA B 67 -12.98 -1.11 1.68
C ALA B 67 -12.05 -2.18 2.25
N ILE B 68 -12.64 -3.29 2.65
CA ILE B 68 -11.88 -4.47 3.06
C ILE B 68 -11.84 -5.40 1.86
N THR B 69 -10.66 -5.58 1.27
CA THR B 69 -10.54 -6.29 0.01
C THR B 69 -9.67 -7.54 0.06
N SER B 70 -8.92 -7.77 1.12
CA SER B 70 -7.99 -8.87 1.13
C SER B 70 -8.72 -10.21 1.11
N PRO B 71 -8.60 -11.00 0.03
CA PRO B 71 -9.31 -12.30 0.02
C PRO B 71 -8.86 -13.23 1.13
N ALA B 72 -7.57 -13.22 1.48
CA ALA B 72 -7.09 -14.08 2.57
C ALA B 72 -7.74 -13.71 3.90
N PHE B 73 -7.84 -12.41 4.19
CA PHE B 73 -8.51 -12.03 5.45
C PHE B 73 -9.99 -12.36 5.39
N LEU B 74 -10.65 -12.04 4.28
CA LEU B 74 -12.10 -12.27 4.19
C LEU B 74 -12.42 -13.74 4.28
N GLU B 75 -11.61 -14.60 3.65
CA GLU B 75 -11.90 -16.03 3.70
C GLU B 75 -11.74 -16.56 5.11
N LEU B 76 -10.69 -16.12 5.81
CA LEU B 76 -10.48 -16.54 7.20
C LEU B 76 -11.57 -15.98 8.11
N ALA B 77 -11.90 -14.70 7.98
CA ALA B 77 -12.95 -14.12 8.79
C ALA B 77 -14.28 -14.81 8.55
N SER B 78 -14.58 -15.10 7.27
CA SER B 78 -15.83 -15.77 6.94
C SER B 78 -15.88 -17.16 7.55
N ARG B 79 -14.79 -17.91 7.47
CA ARG B 79 -14.76 -19.23 8.08
C ARG B 79 -14.98 -19.15 9.60
N LEU B 80 -14.33 -18.19 10.26
CA LEU B 80 -14.53 -18.04 11.69
C LEU B 80 -15.97 -17.65 12.00
N ALA B 81 -16.51 -16.70 11.25
CA ALA B 81 -17.85 -16.21 11.54
C ALA B 81 -18.90 -17.29 11.38
N ASP B 82 -18.65 -18.26 10.50
CA ASP B 82 -19.64 -19.28 10.23
C ASP B 82 -19.36 -20.62 10.90
N THR B 83 -18.12 -20.90 11.33
CA THR B 83 -17.82 -22.21 11.91
C THR B 83 -17.24 -22.18 13.32
N SER B 84 -16.92 -21.02 13.89
CA SER B 84 -16.27 -20.95 15.20
C SER B 84 -17.27 -20.61 16.31
N HIS B 85 -17.41 -21.52 17.29
CA HIS B 85 -18.23 -21.23 18.47
C HIS B 85 -17.69 -20.06 19.24
N VAL B 86 -16.37 -19.97 19.34
CA VAL B 86 -15.76 -18.89 20.11
C VAL B 86 -16.08 -17.56 19.47
N ALA B 87 -15.99 -17.47 18.14
CA ALA B 87 -16.24 -16.19 17.51
C ALA B 87 -17.68 -15.75 17.69
N ARG B 88 -18.60 -16.70 17.79
CA ARG B 88 -20.00 -16.36 17.87
C ARG B 88 -20.47 -16.18 19.30
N ALA B 89 -19.67 -16.57 20.30
CA ALA B 89 -20.19 -16.64 21.66
C ALA B 89 -20.65 -15.29 22.19
N PRO B 90 -19.88 -14.20 22.08
CA PRO B 90 -20.34 -12.92 22.63
C PRO B 90 -21.23 -12.09 21.71
N VAL B 91 -21.74 -12.65 20.61
CA VAL B 91 -22.39 -11.81 19.61
C VAL B 91 -23.69 -11.23 20.13
N LYS B 92 -24.36 -11.92 21.04
CA LYS B 92 -25.47 -11.40 21.86
C LYS B 92 -26.83 -11.54 21.19
N ASN B 93 -26.91 -12.11 19.99
CA ASN B 93 -28.18 -12.40 19.36
C ASN B 93 -27.96 -13.13 18.04
N LEU B 94 -28.71 -14.21 17.82
CA LEU B 94 -28.66 -14.99 16.57
C LEU B 94 -28.45 -14.06 15.38
N PRO B 95 -27.21 -13.92 14.91
CA PRO B 95 -26.91 -12.87 13.90
C PRO B 95 -27.51 -13.20 12.54
N LYS B 96 -28.36 -12.29 12.05
CA LYS B 96 -28.82 -12.40 10.67
C LYS B 96 -27.67 -12.33 9.69
N GLU B 97 -26.62 -11.57 10.02
CA GLU B 97 -25.47 -11.33 9.15
C GLU B 97 -24.21 -11.72 9.93
N PRO B 98 -23.91 -13.02 10.01
CA PRO B 98 -22.81 -13.46 10.88
C PRO B 98 -21.54 -12.66 10.69
N LEU B 99 -21.02 -12.59 9.46
CA LEU B 99 -19.73 -11.93 9.24
C LEU B 99 -19.77 -10.48 9.70
N LEU B 100 -20.81 -9.75 9.31
CA LEU B 100 -20.90 -8.33 9.67
C LEU B 100 -20.96 -8.17 11.18
N GLU B 101 -21.73 -9.01 11.86
CA GLU B 101 -21.85 -8.84 13.30
C GLU B 101 -20.64 -9.37 14.05
N ILE B 102 -19.94 -10.38 13.52
CA ILE B 102 -18.73 -10.86 14.19
C ILE B 102 -17.61 -9.83 14.04
N LEU B 103 -17.50 -9.19 12.86
CA LEU B 103 -16.53 -8.12 12.69
C LEU B 103 -16.83 -6.94 13.63
N HIS B 104 -18.10 -6.53 13.71
CA HIS B 104 -18.52 -5.42 14.57
C HIS B 104 -18.25 -5.73 16.04
N THR B 105 -18.36 -7.00 16.42
CA THR B 105 -18.19 -7.44 17.81
C THR B 105 -16.72 -7.50 18.20
N TRP B 106 -15.88 -8.11 17.35
CA TRP B 106 -14.51 -8.38 17.74
C TRP B 106 -13.52 -7.32 17.31
N LEU B 107 -13.82 -6.55 16.26
CA LEU B 107 -13.02 -5.41 15.83
C LEU B 107 -13.90 -4.17 15.89
N PRO B 108 -14.32 -3.76 17.09
CA PRO B 108 -15.36 -2.73 17.21
C PRO B 108 -14.88 -1.30 17.04
N GLY B 109 -13.58 -1.04 16.99
CA GLY B 109 -13.07 0.31 16.85
C GLY B 109 -12.21 0.56 15.63
N LEU B 110 -12.15 1.84 15.22
CA LEU B 110 -11.26 2.32 14.16
C LEU B 110 -10.27 3.31 14.75
N SER B 111 -8.99 3.03 14.60
CA SER B 111 -7.94 3.90 15.14
C SER B 111 -7.11 4.48 13.99
N LEU B 112 -7.09 5.80 13.88
CA LEU B 112 -6.30 6.51 12.89
C LEU B 112 -4.93 6.82 13.47
N SER B 113 -3.89 6.24 12.88
CA SER B 113 -2.53 6.44 13.34
C SER B 113 -2.00 7.75 12.78
N SER B 114 -1.44 8.57 13.67
CA SER B 114 -0.96 9.90 13.34
C SER B 114 0.44 10.09 13.92
N ILE B 115 1.16 11.08 13.38
CA ILE B 115 2.45 11.47 13.96
C ILE B 115 2.19 12.30 15.22
N HIS B 116 3.22 12.50 16.02
CA HIS B 116 3.10 13.25 17.27
C HIS B 116 2.56 14.65 16.99
N PRO B 117 1.87 15.26 17.97
CA PRO B 117 1.41 16.65 17.76
C PRO B 117 2.55 17.62 17.49
N ARG B 118 3.65 17.52 18.24
CA ARG B 118 4.80 18.40 18.01
C ARG B 118 5.13 18.49 16.54
N GLU B 119 5.28 17.35 15.87
CA GLU B 119 5.78 17.31 14.50
C GLU B 119 4.85 17.98 13.50
N LEU B 120 3.66 18.40 13.93
CA LEU B 120 2.74 19.10 13.05
C LEU B 120 3.31 20.46 12.66
N PRO B 124 6.09 20.52 11.38
CA PRO B 124 5.51 20.15 10.08
C PRO B 124 6.54 19.55 9.11
N SER B 125 6.21 18.42 8.47
CA SER B 125 7.11 17.78 7.52
C SER B 125 6.48 16.53 6.89
N GLY B 126 6.63 15.38 7.55
CA GLY B 126 6.25 14.11 6.97
C GLY B 126 4.76 13.93 6.79
N PRO B 127 4.34 12.72 6.39
CA PRO B 127 2.90 12.43 6.25
C PRO B 127 2.23 12.30 7.61
N VAL B 128 1.11 13.01 7.78
CA VAL B 128 0.43 13.07 9.07
C VAL B 128 -0.06 11.68 9.48
N PHE B 129 -0.84 11.05 8.62
CA PHE B 129 -1.49 9.78 8.94
C PHE B 129 -0.79 8.62 8.23
N GLN B 130 -0.54 7.54 8.98
CA GLN B 130 0.12 6.34 8.46
C GLN B 130 -0.86 5.25 8.03
N HIS B 131 -1.94 5.04 8.80
CA HIS B 131 -2.89 3.97 8.49
C HIS B 131 -4.10 4.14 9.41
N VAL B 132 -5.12 3.33 9.13
CA VAL B 132 -6.27 3.13 10.02
C VAL B 132 -6.25 1.66 10.41
N SER B 133 -6.50 1.39 11.69
CA SER B 133 -6.51 0.01 12.15
C SER B 133 -7.89 -0.37 12.62
N LEU B 134 -8.29 -1.59 12.27
CA LEU B 134 -9.40 -2.25 12.95
C LEU B 134 -8.89 -2.79 14.27
N CYS B 135 -9.48 -2.34 15.37
CA CYS B 135 -8.91 -2.58 16.69
C CYS B 135 -9.88 -3.34 17.58
N ALA B 136 -9.34 -4.37 18.25
CA ALA B 136 -10.05 -5.08 19.31
C ALA B 136 -9.60 -4.65 20.70
N LEU B 137 -8.45 -3.99 20.82
CA LEU B 137 -7.85 -3.69 22.12
C LEU B 137 -8.00 -2.22 22.51
N GLY B 138 -8.75 -1.43 21.74
CA GLY B 138 -8.86 -0.01 21.97
C GLY B 138 -9.85 0.34 23.08
N ARG B 139 -10.15 1.62 23.16
CA ARG B 139 -11.04 2.17 24.18
C ARG B 139 -12.50 1.93 23.83
N ARG B 140 -13.33 1.91 24.85
CA ARG B 140 -14.77 1.76 24.71
C ARG B 140 -15.48 3.10 24.47
N ARG B 141 -14.74 4.11 24.03
CA ARG B 141 -15.31 5.39 23.64
C ARG B 141 -14.66 5.86 22.35
N GLY B 142 -15.35 6.75 21.66
CA GLY B 142 -14.74 7.50 20.58
C GLY B 142 -14.88 6.89 19.21
N THR B 143 -15.13 5.59 19.10
CA THR B 143 -15.17 4.96 17.78
C THR B 143 -16.01 3.70 17.84
N VAL B 144 -16.93 3.56 16.88
CA VAL B 144 -17.67 2.33 16.63
C VAL B 144 -17.49 1.99 15.15
N ALA B 145 -16.91 0.84 14.87
CA ALA B 145 -16.74 0.40 13.47
C ALA B 145 -17.98 -0.34 13.01
N VAL B 146 -18.51 0.06 11.85
CA VAL B 146 -19.65 -0.60 11.24
C VAL B 146 -19.20 -1.21 9.92
N TYR B 147 -19.56 -2.48 9.70
CA TYR B 147 -19.12 -3.25 8.55
C TYR B 147 -20.34 -3.64 7.73
N GLY B 148 -20.23 -3.53 6.42
CA GLY B 148 -21.39 -3.83 5.60
C GLY B 148 -21.03 -4.14 4.18
N HIS B 149 -22.03 -4.62 3.46
CA HIS B 149 -21.85 -5.04 2.07
C HIS B 149 -21.92 -3.89 1.08
N ASP B 150 -22.43 -2.74 1.48
CA ASP B 150 -22.41 -1.58 0.60
C ASP B 150 -22.25 -0.34 1.45
N ALA B 151 -21.61 0.68 0.87
CA ALA B 151 -21.32 1.91 1.60
C ALA B 151 -22.61 2.57 2.09
N GLU B 152 -23.66 2.52 1.28
CA GLU B 152 -24.91 3.18 1.64
C GLU B 152 -25.44 2.62 2.96
N TRP B 153 -25.45 1.29 3.10
CA TRP B 153 -25.95 0.67 4.33
C TRP B 153 -25.10 1.06 5.54
N VAL B 154 -23.78 1.13 5.37
CA VAL B 154 -22.89 1.51 6.45
C VAL B 154 -23.20 2.91 6.94
N VAL B 155 -23.17 3.88 6.03
CA VAL B 155 -23.33 5.29 6.42
C VAL B 155 -24.69 5.51 7.05
N SER B 156 -25.68 4.69 6.72
CA SER B 156 -27.01 4.81 7.30
C SER B 156 -27.09 4.33 8.73
N ARG B 157 -26.02 3.77 9.27
CA ARG B 157 -26.05 3.23 10.62
C ARG B 157 -25.67 4.26 11.66
N PHE B 158 -25.61 5.55 11.30
CA PHE B 158 -25.20 6.59 12.22
C PHE B 158 -26.30 7.63 12.32
N SER B 159 -26.25 8.40 13.39
CA SER B 159 -27.23 9.44 13.66
C SER B 159 -26.69 10.84 13.52
N SER B 160 -25.38 11.05 13.68
CA SER B 160 -24.81 12.39 13.70
C SER B 160 -24.26 12.82 12.34
N VAL B 161 -24.54 12.05 11.29
CA VAL B 161 -24.08 12.35 9.94
C VAL B 161 -25.25 12.98 9.17
N SER B 162 -25.09 14.23 8.76
CA SER B 162 -26.15 14.96 8.07
C SER B 162 -26.43 14.35 6.68
N LYS B 163 -27.60 14.71 6.14
CA LYS B 163 -27.98 14.18 4.83
C LYS B 163 -26.96 14.58 3.78
N SER B 164 -26.49 15.82 3.83
CA SER B 164 -25.52 16.29 2.83
C SER B 164 -24.17 15.62 3.04
N GLU B 165 -23.74 15.46 4.29
CA GLU B 165 -22.47 14.78 4.57
C GLU B 165 -22.53 13.33 4.10
N ARG B 166 -23.67 12.66 4.31
CA ARG B 166 -23.83 11.29 3.83
C ARG B 166 -23.75 11.23 2.30
N ALA B 167 -24.40 12.18 1.61
CA ALA B 167 -24.33 12.19 0.15
C ALA B 167 -22.92 12.50 -0.32
N HIS B 168 -22.26 13.46 0.32
CA HIS B 168 -20.88 13.78 -0.03
C HIS B 168 -19.97 12.57 0.13
N ILE B 169 -20.04 11.91 1.29
CA ILE B 169 -19.21 10.74 1.55
C ILE B 169 -19.48 9.65 0.52
N LEU B 170 -20.75 9.39 0.24
CA LEU B 170 -21.09 8.30 -0.66
C LEU B 170 -20.72 8.61 -2.11
N GLN B 171 -20.80 9.87 -2.52
CA GLN B 171 -20.37 10.22 -3.88
C GLN B 171 -18.89 9.96 -4.04
N HIS B 172 -18.10 10.38 -3.05
CA HIS B 172 -16.67 10.10 -3.07
C HIS B 172 -16.42 8.59 -3.16
N VAL B 173 -16.97 7.84 -2.23
CA VAL B 173 -16.80 6.38 -2.23
C VAL B 173 -17.20 5.81 -3.58
N SER B 174 -18.36 6.22 -4.10
CA SER B 174 -18.83 5.65 -5.36
C SER B 174 -17.89 6.00 -6.51
N SER B 175 -17.16 7.10 -6.42
CA SER B 175 -16.21 7.48 -7.46
C SER B 175 -14.89 6.73 -7.36
N CYS B 176 -14.72 5.90 -6.33
CA CYS B 176 -13.51 5.08 -6.18
C CYS B 176 -13.74 3.74 -6.87
N ARG B 177 -12.82 3.35 -7.74
CA ARG B 177 -12.91 2.07 -8.44
CA ARG B 177 -12.91 2.07 -8.44
C ARG B 177 -12.20 1.02 -7.57
N LEU B 178 -12.99 0.24 -6.83
CA LEU B 178 -12.42 -0.73 -5.90
C LEU B 178 -11.50 -1.71 -6.60
N GLU B 179 -11.87 -2.15 -7.81
CA GLU B 179 -11.02 -3.07 -8.55
C GLU B 179 -9.64 -2.50 -8.81
N ASP B 180 -9.51 -1.17 -8.81
CA ASP B 180 -8.21 -0.54 -9.05
C ASP B 180 -7.34 -0.47 -7.80
N LEU B 181 -7.88 -0.80 -6.64
CA LEU B 181 -7.08 -0.77 -5.42
C LEU B 181 -6.05 -1.89 -5.44
N SER B 182 -4.86 -1.58 -4.96
CA SER B 182 -3.79 -2.54 -4.96
C SER B 182 -4.06 -3.67 -3.96
N THR B 183 -3.43 -4.81 -4.22
CA THR B 183 -3.55 -5.96 -3.33
C THR B 183 -3.04 -5.63 -1.92
N PRO B 184 -3.85 -5.77 -0.87
CA PRO B 184 -3.31 -5.57 0.48
C PRO B 184 -2.32 -6.66 0.83
N ASN B 185 -1.25 -6.27 1.52
CA ASN B 185 -0.23 -7.23 1.94
C ASN B 185 -0.65 -7.78 3.31
N PHE B 186 -1.16 -9.01 3.30
CA PHE B 186 -1.81 -9.60 4.47
C PHE B 186 -1.16 -10.92 4.85
N VAL B 187 -0.85 -11.07 6.13
CA VAL B 187 -0.66 -12.38 6.75
C VAL B 187 -1.45 -12.38 8.04
N SER B 188 -1.92 -13.56 8.43
CA SER B 188 -2.59 -13.66 9.72
C SER B 188 -1.66 -13.17 10.83
N PRO B 189 -2.19 -12.49 11.85
CA PRO B 189 -1.33 -12.10 12.98
C PRO B 189 -0.59 -13.28 13.60
N LEU B 190 -1.21 -14.46 13.62
CA LEU B 190 -0.55 -15.66 14.11
C LEU B 190 0.73 -15.96 13.33
N GLU B 191 0.77 -15.60 12.04
CA GLU B 191 1.95 -15.86 11.23
C GLU B 191 3.06 -14.84 11.43
N THR B 192 2.82 -13.78 12.21
CA THR B 192 3.79 -12.69 12.30
C THR B 192 5.12 -13.12 12.88
N LEU B 193 5.14 -14.17 13.70
CA LEU B 193 6.41 -14.70 14.19
C LEU B 193 7.26 -15.21 13.04
#